data_1X71
#
_entry.id   1X71
#
_cell.length_a   114.400
_cell.length_b   114.400
_cell.length_c   119.000
_cell.angle_alpha   90.00
_cell.angle_beta   90.00
_cell.angle_gamma   90.00
#
_symmetry.space_group_name_H-M   'P 41 21 2'
#
loop_
_entity.id
_entity.type
_entity.pdbx_description
1 polymer 'Neutrophil gelatinase-associated lipocalin'
2 non-polymer 'FE (III) ION'
3 non-polymer 2,3-DIHYDROXYBENZAMIDE
4 water water
#
_entity_poly.entity_id   1
_entity_poly.type   'polypeptide(L)'
_entity_poly.pdbx_seq_one_letter_code
;QDSTSDLIPAPPLSKVPLQQNFQDNQFQGKWYVVGLAGNAILREDKDPQKMYATIYELKEDKSYNVTSVLFRKKKCDYWI
RTFVPGSQPGEFTLGNIKSYPGLTSYLVRVVSTNYNQHAMVFFKKVSQNREYFKITLYGRTKELTSELKENFIRFSKSLG
LPENHIVFPVPIDQCIDG
;
_entity_poly.pdbx_strand_id   A,B,C
#
loop_
_chem_comp.id
_chem_comp.type
_chem_comp.name
_chem_comp.formula
DB1 non-polymer 2,3-DIHYDROXYBENZAMIDE 'C7 H7 N O3'
FE non-polymer 'FE (III) ION' 'Fe 3'
#
# COMPACT_ATOMS: atom_id res chain seq x y z
N SER A 3 -6.27 -29.86 -28.21
CA SER A 3 -7.26 -29.39 -29.28
C SER A 3 -7.98 -28.09 -28.90
N THR A 4 -8.35 -28.02 -27.61
CA THR A 4 -9.15 -26.94 -27.02
C THR A 4 -8.49 -26.00 -26.01
N SER A 5 -8.85 -24.71 -26.06
CA SER A 5 -8.39 -23.67 -25.11
C SER A 5 -9.66 -22.90 -24.78
N ASP A 6 -9.76 -22.47 -23.56
CA ASP A 6 -10.91 -21.76 -23.15
C ASP A 6 -10.37 -20.50 -22.51
N LEU A 7 -10.86 -19.34 -22.91
CA LEU A 7 -10.39 -18.06 -22.34
C LEU A 7 -11.48 -17.07 -22.07
N ILE A 8 -11.37 -16.34 -20.95
CA ILE A 8 -12.31 -15.27 -20.66
C ILE A 8 -12.11 -14.24 -21.77
N PRO A 9 -13.16 -13.73 -22.40
CA PRO A 9 -13.05 -12.74 -23.50
C PRO A 9 -12.44 -11.40 -23.07
N ALA A 10 -11.66 -10.76 -23.97
CA ALA A 10 -11.04 -9.46 -23.75
C ALA A 10 -12.19 -8.51 -23.55
N PRO A 11 -12.06 -7.55 -22.66
CA PRO A 11 -13.20 -6.63 -22.51
C PRO A 11 -13.26 -5.66 -23.71
N PRO A 12 -14.39 -4.99 -23.89
CA PRO A 12 -14.40 -4.04 -25.01
C PRO A 12 -13.50 -2.89 -24.53
N LEU A 13 -12.75 -2.29 -25.45
CA LEU A 13 -11.85 -1.24 -25.11
C LEU A 13 -12.45 -0.04 -24.41
N SER A 14 -13.74 0.14 -24.58
CA SER A 14 -14.50 1.20 -23.98
C SER A 14 -14.51 0.96 -22.45
N LYS A 15 -14.16 -0.22 -21.98
CA LYS A 15 -14.14 -0.41 -20.53
C LYS A 15 -12.72 -0.21 -19.94
N VAL A 16 -11.80 0.24 -20.79
CA VAL A 16 -10.42 0.43 -20.37
C VAL A 16 -10.01 1.86 -20.48
N PRO A 17 -9.95 2.52 -19.34
CA PRO A 17 -9.57 3.93 -19.36
C PRO A 17 -8.14 4.15 -19.86
N LEU A 18 -7.90 5.37 -20.36
CA LEU A 18 -6.60 5.81 -20.82
C LEU A 18 -6.12 6.89 -19.85
N GLN A 19 -4.85 6.89 -19.43
CA GLN A 19 -4.37 7.95 -18.54
C GLN A 19 -4.39 9.27 -19.28
N GLN A 20 -5.12 10.24 -18.76
CA GLN A 20 -5.21 11.54 -19.42
C GLN A 20 -3.89 12.29 -19.42
N ASN A 21 -3.64 13.09 -20.45
CA ASN A 21 -2.41 13.85 -20.48
C ASN A 21 -1.15 12.97 -20.25
N PHE A 22 -0.99 11.86 -20.96
CA PHE A 22 0.17 10.98 -20.75
C PHE A 22 1.56 11.58 -21.01
N GLN A 23 2.47 11.49 -20.03
CA GLN A 23 3.81 12.04 -20.25
C GLN A 23 4.86 10.95 -20.56
N ASP A 24 5.12 10.70 -21.82
CA ASP A 24 6.06 9.64 -22.12
C ASP A 24 7.42 9.69 -21.40
N ASN A 25 7.99 10.89 -21.27
CA ASN A 25 9.30 11.01 -20.62
C ASN A 25 9.22 10.63 -19.13
N GLN A 26 8.13 10.96 -18.45
CA GLN A 26 7.99 10.67 -17.04
C GLN A 26 7.67 9.19 -16.75
N PHE A 27 7.21 8.46 -17.78
CA PHE A 27 6.88 7.05 -17.56
C PHE A 27 8.13 6.12 -17.67
N GLN A 28 9.23 6.69 -18.14
CA GLN A 28 10.48 5.98 -18.30
C GLN A 28 11.08 5.35 -17.00
N GLY A 29 12.00 4.41 -17.19
CA GLY A 29 12.67 3.83 -16.06
C GLY A 29 12.14 2.49 -15.64
N LYS A 30 12.57 2.08 -14.46
CA LYS A 30 12.20 0.75 -13.97
C LYS A 30 10.89 0.70 -13.20
N TRP A 31 10.07 -0.32 -13.47
CA TRP A 31 8.82 -0.52 -12.80
C TRP A 31 8.83 -1.93 -12.33
N TYR A 32 8.45 -2.17 -11.08
CA TYR A 32 8.33 -3.53 -10.66
C TYR A 32 6.82 -3.99 -10.93
N VAL A 33 6.64 -5.25 -11.30
CA VAL A 33 5.27 -5.76 -11.51
C VAL A 33 4.78 -6.25 -10.13
N VAL A 34 4.01 -5.42 -9.42
CA VAL A 34 3.58 -5.89 -8.12
C VAL A 34 2.23 -6.62 -8.20
N GLY A 35 1.53 -6.41 -9.32
CA GLY A 35 0.26 -7.09 -9.55
C GLY A 35 0.19 -7.52 -11.03
N LEU A 36 -0.40 -8.68 -11.27
CA LEU A 36 -0.56 -9.23 -12.59
C LEU A 36 -1.91 -9.95 -12.68
N ALA A 37 -2.71 -9.61 -13.71
CA ALA A 37 -4.02 -10.25 -13.94
C ALA A 37 -4.23 -10.40 -15.43
N GLY A 38 -4.99 -11.40 -15.82
CA GLY A 38 -5.27 -11.60 -17.25
C GLY A 38 -5.98 -12.93 -17.50
N ASN A 39 -6.46 -13.12 -18.74
CA ASN A 39 -7.16 -14.38 -19.03
C ASN A 39 -6.24 -15.54 -19.14
N ALA A 40 -4.93 -15.33 -19.27
CA ALA A 40 -4.05 -16.49 -19.27
C ALA A 40 -3.20 -16.54 -17.95
N ILE A 41 -3.51 -15.67 -17.02
CA ILE A 41 -2.74 -15.64 -15.78
C ILE A 41 -3.45 -16.53 -14.73
N LEU A 42 -2.77 -17.50 -14.14
CA LEU A 42 -3.43 -18.31 -13.11
C LEU A 42 -2.63 -18.40 -11.80
N ARG A 43 -3.31 -18.23 -10.68
CA ARG A 43 -2.69 -18.31 -9.38
C ARG A 43 -2.16 -19.73 -9.19
N GLU A 44 -0.94 -19.85 -8.68
CA GLU A 44 -0.37 -21.18 -8.49
C GLU A 44 0.38 -21.24 -7.17
N ASP A 45 -0.30 -21.71 -6.13
CA ASP A 45 0.31 -21.84 -4.80
C ASP A 45 1.49 -22.81 -4.80
N LYS A 46 1.47 -23.78 -5.72
CA LYS A 46 2.57 -24.73 -5.87
C LYS A 46 3.86 -23.91 -6.09
N ASP A 47 4.06 -23.32 -7.28
CA ASP A 47 5.27 -22.48 -7.46
C ASP A 47 4.79 -20.99 -7.71
N PRO A 48 4.45 -20.27 -6.62
CA PRO A 48 3.99 -18.88 -6.78
C PRO A 48 4.91 -18.04 -7.66
N GLN A 49 4.28 -17.19 -8.45
CA GLN A 49 4.93 -16.31 -9.39
C GLN A 49 5.92 -15.33 -8.70
N LYS A 50 7.14 -15.22 -9.21
CA LYS A 50 8.12 -14.28 -8.62
C LYS A 50 8.11 -12.92 -9.31
N MET A 51 8.22 -11.84 -8.54
CA MET A 51 8.23 -10.50 -9.12
C MET A 51 9.32 -10.39 -10.20
N TYR A 52 9.01 -9.65 -11.28
CA TYR A 52 9.99 -9.35 -12.32
C TYR A 52 9.89 -7.83 -12.53
N ALA A 53 10.70 -7.26 -13.41
CA ALA A 53 10.67 -5.82 -13.54
C ALA A 53 10.66 -5.47 -15.03
N THR A 54 10.19 -4.28 -15.35
CA THR A 54 10.15 -3.87 -16.73
C THR A 54 10.68 -2.46 -16.77
N ILE A 55 11.70 -2.29 -17.60
CA ILE A 55 12.37 -0.99 -17.73
C ILE A 55 12.01 -0.36 -19.04
N TYR A 56 11.51 0.85 -18.99
CA TYR A 56 11.07 1.60 -20.21
C TYR A 56 12.06 2.69 -20.62
N GLU A 57 12.63 2.62 -21.81
CA GLU A 57 13.52 3.70 -22.22
C GLU A 57 13.06 4.34 -23.47
N LEU A 58 12.85 5.66 -23.43
CA LEU A 58 12.44 6.41 -24.63
C LEU A 58 13.61 6.59 -25.61
N LYS A 59 13.41 6.17 -26.86
CA LYS A 59 14.42 6.32 -27.89
C LYS A 59 14.17 7.71 -28.47
N GLU A 60 15.09 8.21 -29.27
CA GLU A 60 14.96 9.55 -29.90
C GLU A 60 13.67 9.67 -30.70
N ASP A 61 13.23 8.59 -31.38
CA ASP A 61 11.99 8.65 -32.15
C ASP A 61 10.71 8.52 -31.31
N LYS A 62 10.88 8.44 -30.01
CA LYS A 62 9.78 8.37 -29.06
C LYS A 62 9.08 7.05 -28.88
N SER A 63 9.56 6.02 -29.54
CA SER A 63 8.96 4.72 -29.29
C SER A 63 9.76 4.24 -28.07
N TYR A 64 9.30 3.21 -27.37
CA TYR A 64 10.05 2.79 -26.19
C TYR A 64 10.76 1.53 -26.42
N ASN A 65 11.93 1.43 -25.79
CA ASN A 65 12.66 0.19 -25.79
C ASN A 65 12.30 -0.40 -24.42
N VAL A 66 11.57 -1.49 -24.41
CA VAL A 66 11.12 -2.10 -23.18
C VAL A 66 11.85 -3.38 -22.86
N THR A 67 12.53 -3.41 -21.71
CA THR A 67 13.28 -4.60 -21.36
C THR A 67 12.70 -5.18 -20.13
N SER A 68 12.37 -6.45 -20.17
CA SER A 68 11.83 -7.07 -18.95
C SER A 68 12.91 -8.03 -18.42
N VAL A 69 12.99 -8.13 -17.11
CA VAL A 69 13.99 -9.02 -16.51
C VAL A 69 13.32 -9.88 -15.47
N LEU A 70 13.50 -11.20 -15.59
CA LEU A 70 12.88 -12.18 -14.70
C LEU A 70 13.97 -13.11 -14.17
N PHE A 71 13.81 -13.62 -12.96
CA PHE A 71 14.75 -14.57 -12.41
C PHE A 71 14.14 -15.95 -12.68
N ARG A 72 14.78 -16.77 -13.49
CA ARG A 72 14.26 -18.11 -13.82
C ARG A 72 15.38 -19.06 -13.96
N LYS A 73 15.23 -20.25 -13.38
CA LYS A 73 16.26 -21.28 -13.55
C LYS A 73 17.60 -20.75 -13.04
N LYS A 74 17.57 -19.93 -12.01
CA LYS A 74 18.79 -19.45 -11.41
C LYS A 74 19.50 -18.40 -12.26
N LYS A 75 18.88 -18.05 -13.38
CA LYS A 75 19.47 -17.04 -14.21
C LYS A 75 18.53 -15.86 -14.46
N CYS A 76 19.12 -14.72 -14.86
CA CYS A 76 18.34 -13.52 -15.20
C CYS A 76 18.05 -13.68 -16.64
N ASP A 77 16.79 -13.56 -16.97
CA ASP A 77 16.36 -13.73 -18.33
C ASP A 77 15.83 -12.38 -18.87
N TYR A 78 16.36 -11.88 -19.97
CA TYR A 78 15.90 -10.58 -20.50
C TYR A 78 15.12 -10.66 -21.82
N TRP A 79 13.97 -9.97 -21.93
CA TRP A 79 13.16 -9.96 -23.15
C TRP A 79 13.08 -8.46 -23.47
N ILE A 80 13.22 -8.12 -24.74
CA ILE A 80 13.12 -6.76 -25.17
C ILE A 80 11.96 -6.61 -26.16
N ARG A 81 11.13 -5.59 -26.03
CA ARG A 81 10.16 -5.39 -27.07
C ARG A 81 10.17 -3.91 -27.33
N THR A 82 9.67 -3.49 -28.49
CA THR A 82 9.64 -2.05 -28.76
C THR A 82 8.19 -1.59 -28.76
N PHE A 83 7.86 -0.56 -27.99
CA PHE A 83 6.49 -0.05 -27.95
C PHE A 83 6.48 1.21 -28.82
N VAL A 84 5.70 1.15 -29.88
CA VAL A 84 5.52 2.23 -30.87
C VAL A 84 4.24 3.00 -30.55
N PRO A 85 4.32 4.34 -30.37
CA PRO A 85 3.15 5.22 -30.04
C PRO A 85 2.01 4.90 -31.00
N GLY A 86 0.83 4.75 -30.44
CA GLY A 86 -0.30 4.40 -31.25
C GLY A 86 -1.26 5.53 -31.53
N SER A 87 -2.55 5.26 -31.43
CA SER A 87 -3.57 6.21 -31.81
C SER A 87 -3.68 7.46 -30.92
N GLN A 88 -3.35 7.33 -29.65
CA GLN A 88 -3.41 8.47 -28.76
C GLN A 88 -2.32 8.34 -27.72
N PRO A 89 -1.94 9.46 -27.06
CA PRO A 89 -0.86 9.41 -26.06
C PRO A 89 -1.15 8.42 -24.95
N GLY A 90 -0.22 7.51 -24.72
CA GLY A 90 -0.44 6.55 -23.62
C GLY A 90 -0.87 5.17 -24.17
N GLU A 91 -0.97 5.11 -25.50
CA GLU A 91 -1.35 3.88 -26.19
C GLU A 91 -0.20 3.50 -27.13
N PHE A 92 0.02 2.19 -27.30
CA PHE A 92 1.12 1.69 -28.11
C PHE A 92 0.84 0.42 -28.86
N THR A 93 1.59 0.23 -29.93
CA THR A 93 1.50 -1.01 -30.63
C THR A 93 2.94 -1.57 -30.58
N LEU A 94 3.10 -2.84 -30.94
CA LEU A 94 4.35 -3.53 -30.84
C LEU A 94 5.15 -3.43 -32.12
N GLY A 95 6.42 -3.11 -32.00
CA GLY A 95 7.30 -2.98 -33.16
C GLY A 95 7.76 -4.36 -33.65
N ASN A 96 8.11 -4.42 -34.95
CA ASN A 96 8.58 -5.65 -35.62
C ASN A 96 7.69 -6.86 -35.29
N ILE A 97 6.40 -6.72 -35.53
CA ILE A 97 5.50 -7.77 -35.20
C ILE A 97 5.74 -9.06 -36.01
N LYS A 98 6.07 -8.87 -37.29
CA LYS A 98 6.34 -9.94 -38.24
C LYS A 98 7.20 -10.95 -37.54
N SER A 99 8.23 -10.44 -36.86
CA SER A 99 9.18 -11.25 -36.13
C SER A 99 8.71 -12.10 -34.99
N TYR A 100 7.42 -12.09 -34.65
CA TYR A 100 6.89 -12.94 -33.57
C TYR A 100 5.93 -13.93 -34.30
N PRO A 101 6.26 -15.22 -34.30
CA PRO A 101 5.41 -16.22 -34.99
C PRO A 101 3.98 -16.26 -34.48
N GLY A 102 3.00 -16.08 -35.34
CA GLY A 102 1.65 -16.21 -34.83
C GLY A 102 0.99 -14.97 -34.25
N LEU A 103 1.74 -13.91 -34.04
CA LEU A 103 1.22 -12.65 -33.46
C LEU A 103 0.65 -11.74 -34.51
N THR A 104 -0.63 -11.45 -34.44
CA THR A 104 -1.21 -10.56 -35.44
C THR A 104 -1.70 -9.22 -34.89
N SER A 105 -1.80 -9.09 -33.57
CA SER A 105 -2.21 -7.79 -33.00
C SER A 105 -1.63 -7.71 -31.58
N TYR A 106 -1.30 -6.49 -31.15
CA TYR A 106 -0.73 -6.27 -29.81
C TYR A 106 -0.95 -4.80 -29.49
N LEU A 107 -1.71 -4.56 -28.44
CA LEU A 107 -2.08 -3.21 -28.06
C LEU A 107 -1.69 -2.93 -26.63
N VAL A 108 -1.14 -1.75 -26.38
CA VAL A 108 -0.80 -1.41 -25.00
C VAL A 108 -1.55 -0.11 -24.64
N ARG A 109 -2.20 -0.09 -23.48
CA ARG A 109 -2.87 1.14 -23.06
C ARG A 109 -2.55 1.53 -21.62
N VAL A 110 -1.88 2.64 -21.35
CA VAL A 110 -1.66 3.04 -19.95
C VAL A 110 -2.99 3.54 -19.36
N VAL A 111 -3.52 2.80 -18.42
CA VAL A 111 -4.81 3.12 -17.81
C VAL A 111 -4.72 4.26 -16.79
N SER A 112 -3.71 4.23 -15.94
CA SER A 112 -3.47 5.29 -14.92
C SER A 112 -2.04 5.17 -14.37
N THR A 113 -1.48 6.30 -13.97
CA THR A 113 -0.19 6.30 -13.34
C THR A 113 0.01 7.66 -12.76
N ASN A 114 0.83 7.74 -11.70
CA ASN A 114 1.21 9.04 -11.10
C ASN A 114 2.71 9.13 -11.38
N TYR A 115 3.18 8.21 -12.21
CA TYR A 115 4.57 8.19 -12.64
C TYR A 115 5.74 7.95 -11.64
N ASN A 116 5.63 8.39 -10.39
CA ASN A 116 6.78 8.21 -9.51
C ASN A 116 6.56 7.17 -8.43
N GLN A 117 5.36 6.56 -8.39
CA GLN A 117 5.05 5.49 -7.45
C GLN A 117 4.32 4.30 -8.10
N HIS A 118 3.26 4.55 -8.89
CA HIS A 118 2.55 3.40 -9.43
C HIS A 118 1.94 3.58 -10.82
N ALA A 119 1.50 2.46 -11.40
CA ALA A 119 0.83 2.50 -12.70
C ALA A 119 0.03 1.25 -12.93
N MET A 120 -0.97 1.38 -13.80
CA MET A 120 -1.79 0.26 -14.21
C MET A 120 -1.79 0.25 -15.75
N VAL A 121 -1.34 -0.85 -16.34
CA VAL A 121 -1.28 -0.90 -17.81
C VAL A 121 -2.11 -2.08 -18.35
N PHE A 122 -2.85 -1.82 -19.41
CA PHE A 122 -3.65 -2.89 -20.02
C PHE A 122 -3.01 -3.35 -21.30
N PHE A 123 -2.96 -4.65 -21.53
CA PHE A 123 -2.36 -5.16 -22.80
C PHE A 123 -3.38 -6.14 -23.42
N LYS A 124 -3.46 -6.12 -24.75
CA LYS A 124 -4.33 -7.04 -25.49
C LYS A 124 -3.58 -7.48 -26.74
N LYS A 125 -3.56 -8.78 -26.99
CA LYS A 125 -2.88 -9.27 -28.17
C LYS A 125 -3.63 -10.46 -28.79
N VAL A 126 -3.39 -10.66 -30.09
CA VAL A 126 -4.02 -11.83 -30.69
C VAL A 126 -2.85 -12.65 -31.19
N SER A 127 -2.69 -13.84 -30.64
CA SER A 127 -1.59 -14.72 -30.98
C SER A 127 -2.20 -16.08 -31.28
N GLN A 128 -1.76 -16.70 -32.38
CA GLN A 128 -2.33 -17.98 -32.86
C GLN A 128 -3.88 -17.90 -32.84
N ASN A 129 -4.42 -16.76 -33.31
CA ASN A 129 -5.85 -16.51 -33.34
C ASN A 129 -6.54 -16.51 -31.94
N ARG A 130 -5.81 -16.59 -30.85
CA ARG A 130 -6.51 -16.53 -29.58
C ARG A 130 -6.33 -15.11 -28.99
N GLU A 131 -7.40 -14.57 -28.41
CA GLU A 131 -7.32 -13.25 -27.86
C GLU A 131 -6.94 -13.20 -26.36
N TYR A 132 -5.77 -12.65 -26.06
CA TYR A 132 -5.30 -12.56 -24.67
C TYR A 132 -5.26 -11.13 -24.17
N PHE A 133 -5.56 -10.96 -22.88
CA PHE A 133 -5.45 -9.63 -22.30
C PHE A 133 -4.88 -9.79 -20.87
N LYS A 134 -4.12 -8.77 -20.43
CA LYS A 134 -3.64 -8.80 -19.05
C LYS A 134 -3.53 -7.35 -18.56
N ILE A 135 -3.52 -7.19 -17.25
CA ILE A 135 -3.38 -5.88 -16.63
C ILE A 135 -2.20 -6.03 -15.62
N THR A 136 -1.23 -5.11 -15.69
CA THR A 136 -0.11 -5.13 -14.77
C THR A 136 -0.24 -3.98 -13.83
N LEU A 137 0.05 -4.21 -12.55
CA LEU A 137 0.00 -3.11 -11.61
C LEU A 137 1.48 -2.84 -11.39
N TYR A 138 1.95 -1.68 -11.84
CA TYR A 138 3.38 -1.39 -11.68
C TYR A 138 3.64 -0.55 -10.41
N GLY A 139 4.76 -0.85 -9.75
CA GLY A 139 5.19 -0.09 -8.60
C GLY A 139 6.61 0.40 -8.84
N ARG A 140 6.89 1.62 -8.41
CA ARG A 140 8.24 2.17 -8.52
C ARG A 140 9.13 1.44 -7.46
N THR A 141 8.47 0.96 -6.38
CA THR A 141 9.11 0.10 -5.38
C THR A 141 8.39 -1.26 -5.44
N LYS A 142 8.95 -2.27 -4.80
CA LYS A 142 8.35 -3.61 -4.82
C LYS A 142 7.07 -3.77 -3.99
N GLU A 143 6.75 -2.78 -3.17
CA GLU A 143 5.52 -2.86 -2.37
C GLU A 143 4.62 -1.69 -2.64
N LEU A 144 3.33 -1.91 -2.62
CA LEU A 144 2.40 -0.78 -2.82
C LEU A 144 1.33 -0.80 -1.72
N THR A 145 0.66 0.32 -1.50
CA THR A 145 -0.36 0.27 -0.46
C THR A 145 -1.47 -0.74 -0.79
N SER A 146 -2.12 -1.19 0.27
CA SER A 146 -3.20 -2.13 0.09
C SER A 146 -4.34 -1.39 -0.61
N GLU A 147 -4.35 -0.06 -0.62
CA GLU A 147 -5.40 0.68 -1.31
C GLU A 147 -5.23 0.49 -2.85
N LEU A 148 -3.98 0.69 -3.34
CA LEU A 148 -3.65 0.52 -4.75
C LEU A 148 -3.87 -0.96 -5.14
N LYS A 149 -3.45 -1.89 -4.32
CA LYS A 149 -3.70 -3.25 -4.69
C LYS A 149 -5.23 -3.57 -4.83
N GLU A 150 -6.04 -3.02 -3.94
CA GLU A 150 -7.48 -3.27 -3.99
C GLU A 150 -8.09 -2.66 -5.22
N ASN A 151 -7.61 -1.48 -5.60
CA ASN A 151 -8.13 -0.81 -6.75
C ASN A 151 -7.82 -1.68 -7.97
N PHE A 152 -6.61 -2.25 -8.00
CA PHE A 152 -6.21 -3.09 -9.12
C PHE A 152 -7.13 -4.32 -9.17
N ILE A 153 -7.49 -4.82 -8.02
CA ILE A 153 -8.30 -5.99 -8.00
C ILE A 153 -9.68 -5.66 -8.51
N ARG A 154 -10.20 -4.52 -8.09
CA ARG A 154 -11.53 -4.15 -8.55
C ARG A 154 -11.53 -3.92 -10.08
N PHE A 155 -10.50 -3.22 -10.57
CA PHE A 155 -10.44 -2.95 -11.99
C PHE A 155 -10.28 -4.25 -12.82
N SER A 156 -9.55 -5.24 -12.30
CA SER A 156 -9.39 -6.48 -13.00
C SER A 156 -10.72 -7.24 -13.04
N LYS A 157 -11.49 -7.18 -11.95
CA LYS A 157 -12.79 -7.87 -11.86
C LYS A 157 -13.76 -7.17 -12.80
N SER A 158 -13.69 -5.86 -12.86
CA SER A 158 -14.53 -5.13 -13.75
C SER A 158 -14.32 -5.47 -15.24
N LEU A 159 -13.23 -6.16 -15.58
CA LEU A 159 -12.95 -6.55 -16.96
C LEU A 159 -13.23 -8.06 -17.13
N GLY A 160 -13.94 -8.67 -16.19
CA GLY A 160 -14.32 -10.08 -16.29
C GLY A 160 -13.39 -11.02 -15.55
N LEU A 161 -12.36 -10.51 -14.88
CA LEU A 161 -11.46 -11.47 -14.31
C LEU A 161 -11.78 -11.92 -12.87
N PRO A 162 -11.84 -13.22 -12.64
CA PRO A 162 -12.11 -13.67 -11.28
C PRO A 162 -10.77 -13.65 -10.49
N GLU A 163 -10.87 -13.79 -9.17
CA GLU A 163 -9.74 -13.73 -8.29
C GLU A 163 -8.59 -14.68 -8.59
N ASN A 164 -8.91 -15.91 -8.93
CA ASN A 164 -7.83 -16.81 -9.27
C ASN A 164 -7.14 -16.40 -10.58
N HIS A 165 -7.56 -15.32 -11.23
CA HIS A 165 -6.80 -14.88 -12.45
C HIS A 165 -6.00 -13.57 -12.12
N ILE A 166 -5.84 -13.29 -10.83
CA ILE A 166 -5.16 -12.09 -10.35
C ILE A 166 -4.10 -12.55 -9.38
N VAL A 167 -2.84 -12.17 -9.59
CA VAL A 167 -1.78 -12.59 -8.68
C VAL A 167 -0.88 -11.42 -8.28
N PHE A 168 -0.20 -11.55 -7.13
CA PHE A 168 0.70 -10.52 -6.68
C PHE A 168 2.05 -11.17 -6.62
N PRO A 169 2.82 -10.99 -7.67
CA PRO A 169 4.13 -11.62 -7.64
C PRO A 169 4.92 -11.32 -6.32
N VAL A 170 5.63 -12.34 -5.88
CA VAL A 170 6.38 -12.24 -4.64
C VAL A 170 7.72 -11.53 -4.82
N PRO A 171 7.94 -10.46 -4.06
CA PRO A 171 9.21 -9.69 -4.12
C PRO A 171 10.46 -10.60 -4.05
N ILE A 172 11.47 -10.34 -4.86
CA ILE A 172 12.73 -11.10 -4.76
C ILE A 172 13.84 -10.01 -4.95
N ASP A 173 15.10 -10.39 -4.74
CA ASP A 173 16.18 -9.43 -4.94
C ASP A 173 16.96 -9.79 -6.18
N GLN A 174 16.94 -11.06 -6.57
CA GLN A 174 17.75 -11.45 -7.75
C GLN A 174 17.27 -10.73 -9.00
N CYS A 175 18.24 -10.27 -9.80
CA CYS A 175 17.99 -9.64 -11.07
C CYS A 175 17.28 -8.32 -11.16
N ILE A 176 16.23 -8.13 -10.41
CA ILE A 176 15.42 -6.93 -10.51
C ILE A 176 15.87 -5.73 -9.67
N ASP A 177 16.94 -5.88 -8.93
CA ASP A 177 17.45 -4.78 -8.14
C ASP A 177 18.48 -3.80 -8.72
N THR B 4 -18.78 -38.60 6.46
CA THR B 4 -17.70 -37.59 6.64
C THR B 4 -18.26 -36.15 6.53
N SER B 5 -17.45 -35.17 6.93
CA SER B 5 -17.77 -33.73 6.89
C SER B 5 -16.35 -33.16 6.85
N ASP B 6 -16.08 -32.14 6.04
CA ASP B 6 -14.73 -31.56 5.98
C ASP B 6 -14.90 -30.04 6.14
N LEU B 7 -14.21 -29.48 7.14
CA LEU B 7 -14.31 -28.04 7.42
C LEU B 7 -12.97 -27.33 7.63
N ILE B 8 -12.90 -26.09 7.16
CA ILE B 8 -11.69 -25.30 7.35
C ILE B 8 -11.44 -25.18 8.87
N PRO B 9 -10.24 -25.50 9.34
CA PRO B 9 -9.99 -25.41 10.79
C PRO B 9 -10.28 -24.00 11.37
N ALA B 10 -10.73 -23.96 12.62
CA ALA B 10 -11.02 -22.73 13.31
C ALA B 10 -9.66 -22.09 13.68
N PRO B 11 -9.57 -20.76 13.62
CA PRO B 11 -8.27 -20.21 13.97
C PRO B 11 -8.06 -20.19 15.47
N PRO B 12 -6.81 -20.10 15.89
CA PRO B 12 -6.49 -20.06 17.34
C PRO B 12 -7.07 -18.69 17.73
N LEU B 13 -7.58 -18.58 18.95
CA LEU B 13 -8.17 -17.33 19.41
C LEU B 13 -7.14 -16.24 19.34
N SER B 14 -5.89 -16.70 19.38
CA SER B 14 -4.73 -15.87 19.29
C SER B 14 -4.73 -15.01 18.00
N LYS B 15 -5.39 -15.44 16.93
CA LYS B 15 -5.39 -14.67 15.69
C LYS B 15 -6.69 -13.84 15.54
N VAL B 16 -7.37 -13.64 16.65
CA VAL B 16 -8.61 -12.90 16.56
C VAL B 16 -8.50 -11.82 17.58
N PRO B 17 -8.33 -10.58 17.13
CA PRO B 17 -8.21 -9.50 18.13
C PRO B 17 -9.53 -9.24 18.90
N LEU B 18 -9.42 -8.55 20.04
CA LEU B 18 -10.57 -8.17 20.87
C LEU B 18 -10.56 -6.63 20.89
N GLN B 19 -11.71 -6.03 20.59
CA GLN B 19 -11.79 -4.57 20.61
C GLN B 19 -11.29 -4.10 21.99
N GLN B 20 -10.32 -3.17 22.08
CA GLN B 20 -9.95 -2.81 23.48
C GLN B 20 -10.95 -1.89 24.18
N ASN B 21 -11.06 -2.02 25.50
CA ASN B 21 -11.92 -1.13 26.28
C ASN B 21 -13.31 -1.09 25.66
N PHE B 22 -13.86 -2.30 25.38
CA PHE B 22 -15.19 -2.46 24.80
C PHE B 22 -16.26 -1.78 25.64
N GLN B 23 -17.19 -1.04 25.04
CA GLN B 23 -18.23 -0.33 25.79
C GLN B 23 -19.59 -0.89 25.44
N ASP B 24 -20.09 -1.79 26.28
CA ASP B 24 -21.36 -2.42 26.01
C ASP B 24 -22.52 -1.44 25.74
N ASN B 25 -22.50 -0.32 26.47
CA ASN B 25 -23.51 0.73 26.37
C ASN B 25 -23.68 1.17 24.91
N GLN B 26 -22.56 1.49 24.27
CA GLN B 26 -22.57 1.98 22.89
C GLN B 26 -22.75 0.93 21.80
N PHE B 27 -22.70 -0.35 22.15
CA PHE B 27 -22.80 -1.40 21.13
C PHE B 27 -24.22 -1.85 21.01
N GLN B 28 -25.04 -1.38 21.94
CA GLN B 28 -26.42 -1.81 22.00
C GLN B 28 -27.31 -1.51 20.79
N GLY B 29 -28.44 -2.19 20.69
CA GLY B 29 -29.31 -1.86 19.58
C GLY B 29 -29.21 -2.65 18.29
N LYS B 30 -29.56 -2.00 17.17
CA LYS B 30 -29.58 -2.71 15.93
C LYS B 30 -28.44 -2.57 14.95
N TRP B 31 -28.05 -3.76 14.49
CA TRP B 31 -27.03 -3.95 13.49
C TRP B 31 -27.58 -4.77 12.31
N TYR B 32 -27.29 -4.30 11.10
CA TYR B 32 -27.66 -5.01 9.88
C TYR B 32 -26.44 -5.90 9.56
N VAL B 33 -26.69 -7.13 9.10
CA VAL B 33 -25.61 -8.05 8.75
C VAL B 33 -25.19 -7.78 7.27
N VAL B 34 -24.21 -6.91 7.15
CA VAL B 34 -23.65 -6.43 5.89
C VAL B 34 -22.69 -7.44 5.26
N GLY B 35 -22.09 -8.27 6.13
CA GLY B 35 -21.13 -9.27 5.68
C GLY B 35 -21.13 -10.49 6.56
N LEU B 36 -21.01 -11.64 5.91
CA LEU B 36 -21.04 -12.94 6.56
C LEU B 36 -19.93 -13.83 6.04
N ALA B 37 -19.13 -14.41 6.94
CA ALA B 37 -18.06 -15.32 6.51
C ALA B 37 -17.82 -16.44 7.53
N GLY B 38 -17.55 -17.65 7.05
CA GLY B 38 -17.27 -18.76 7.96
C GLY B 38 -17.04 -20.15 7.35
N ASN B 39 -16.53 -21.09 8.14
CA ASN B 39 -16.26 -22.43 7.59
C ASN B 39 -17.52 -23.15 7.14
N ALA B 40 -18.67 -22.66 7.56
CA ALA B 40 -19.86 -23.32 7.09
C ALA B 40 -20.68 -22.36 6.21
N ILE B 41 -20.22 -21.12 6.05
CA ILE B 41 -20.94 -20.15 5.20
C ILE B 41 -20.48 -20.39 3.77
N LEU B 42 -21.42 -20.35 2.81
CA LEU B 42 -21.09 -20.58 1.38
C LEU B 42 -21.76 -19.66 0.35
N ARG B 43 -20.96 -19.06 -0.55
CA ARG B 43 -21.53 -18.21 -1.57
C ARG B 43 -22.47 -19.01 -2.46
N GLU B 44 -23.70 -18.53 -2.57
CA GLU B 44 -24.74 -19.15 -3.38
C GLU B 44 -25.29 -18.14 -4.38
N PRO B 48 -29.35 -16.00 -3.54
CA PRO B 48 -28.45 -15.16 -2.73
C PRO B 48 -29.04 -14.91 -1.34
N GLN B 49 -28.17 -14.77 -0.32
CA GLN B 49 -28.59 -14.55 1.07
C GLN B 49 -29.22 -13.16 1.29
N LYS B 50 -30.42 -13.14 1.85
CA LYS B 50 -31.09 -11.88 2.11
C LYS B 50 -30.54 -11.29 3.37
N MET B 51 -30.47 -9.97 3.42
CA MET B 51 -29.98 -9.34 4.61
C MET B 51 -30.93 -9.61 5.77
N TYR B 52 -30.35 -9.74 6.96
CA TYR B 52 -31.14 -9.90 8.17
C TYR B 52 -30.50 -8.92 9.18
N ALA B 53 -31.18 -8.70 10.30
CA ALA B 53 -30.69 -7.76 11.31
C ALA B 53 -30.63 -8.43 12.68
N THR B 54 -29.73 -7.92 13.54
CA THR B 54 -29.58 -8.46 14.89
C THR B 54 -29.66 -7.28 15.88
N ILE B 55 -30.51 -7.44 16.89
CA ILE B 55 -30.74 -6.38 17.86
C ILE B 55 -30.13 -6.75 19.19
N TYR B 56 -29.20 -5.91 19.65
CA TYR B 56 -28.52 -6.12 20.92
C TYR B 56 -29.12 -5.27 22.05
N GLU B 57 -30.02 -5.90 22.81
CA GLU B 57 -30.63 -5.20 23.96
C GLU B 57 -29.83 -5.32 25.27
N LEU B 58 -29.18 -4.23 25.66
CA LEU B 58 -28.43 -4.22 26.90
C LEU B 58 -29.44 -4.33 28.03
N LYS B 59 -29.49 -5.49 28.70
CA LYS B 59 -30.39 -5.71 29.85
C LYS B 59 -29.80 -5.11 31.13
N GLU B 60 -30.67 -4.71 32.05
CA GLU B 60 -30.24 -4.11 33.30
C GLU B 60 -29.09 -4.87 33.95
N ASP B 61 -29.07 -6.19 33.70
CA ASP B 61 -28.04 -7.06 34.26
C ASP B 61 -26.68 -7.08 33.51
N LYS B 62 -26.52 -6.26 32.48
CA LYS B 62 -25.26 -6.22 31.76
C LYS B 62 -25.14 -7.27 30.60
N SER B 63 -26.18 -8.09 30.46
CA SER B 63 -26.25 -9.06 29.38
C SER B 63 -26.92 -8.45 28.17
N TYR B 64 -26.94 -9.23 27.09
CA TYR B 64 -27.58 -8.80 25.87
C TYR B 64 -28.69 -9.75 25.50
N ASN B 65 -29.87 -9.20 25.28
CA ASN B 65 -30.92 -10.06 24.81
C ASN B 65 -30.74 -9.82 23.30
N VAL B 66 -30.38 -10.86 22.57
CA VAL B 66 -30.10 -10.75 21.16
C VAL B 66 -31.21 -11.32 20.29
N THR B 67 -31.85 -10.47 19.50
CA THR B 67 -32.91 -11.04 18.70
C THR B 67 -32.60 -10.82 17.24
N SER B 68 -32.74 -11.91 16.49
CA SER B 68 -32.47 -11.89 15.08
C SER B 68 -33.74 -11.80 14.25
N VAL B 69 -33.74 -10.89 13.28
CA VAL B 69 -34.89 -10.73 12.39
C VAL B 69 -34.47 -10.98 10.97
N LEU B 70 -35.14 -11.98 10.39
CA LEU B 70 -34.95 -12.41 9.01
C LEU B 70 -36.28 -12.50 8.32
N PHE B 71 -36.23 -12.31 6.99
CA PHE B 71 -37.42 -12.44 6.16
C PHE B 71 -37.33 -13.81 5.53
N ARG B 72 -38.15 -14.77 5.96
CA ARG B 72 -38.13 -16.15 5.44
C ARG B 72 -39.54 -16.72 5.16
N LYS B 73 -39.62 -17.54 4.12
CA LYS B 73 -40.90 -18.14 3.72
C LYS B 73 -42.07 -17.11 3.83
N LYS B 74 -41.84 -15.91 3.31
CA LYS B 74 -42.83 -14.84 3.29
C LYS B 74 -43.34 -14.41 4.72
N LYS B 75 -42.44 -14.45 5.70
CA LYS B 75 -42.81 -14.04 7.05
C LYS B 75 -41.59 -13.47 7.75
N CYS B 76 -41.85 -12.73 8.83
CA CYS B 76 -40.73 -12.19 9.58
C CYS B 76 -40.44 -13.28 10.61
N ASP B 77 -39.18 -13.74 10.63
CA ASP B 77 -38.74 -14.77 11.58
C ASP B 77 -37.81 -14.19 12.67
N TYR B 78 -38.22 -14.39 13.92
CA TYR B 78 -37.48 -13.91 15.10
C TYR B 78 -36.93 -15.06 15.94
N TRP B 79 -35.61 -15.05 16.16
CA TRP B 79 -34.89 -16.04 16.95
C TRP B 79 -34.22 -15.17 18.03
N ILE B 80 -34.46 -15.52 19.28
CA ILE B 80 -33.87 -14.76 20.38
C ILE B 80 -32.82 -15.63 21.08
N ARG B 81 -31.67 -15.03 21.39
CA ARG B 81 -30.53 -15.69 22.08
C ARG B 81 -30.09 -14.74 23.20
N THR B 82 -29.40 -15.29 24.20
CA THR B 82 -28.90 -14.45 25.28
C THR B 82 -27.35 -14.52 25.34
N PHE B 83 -26.69 -13.38 25.22
CA PHE B 83 -25.25 -13.36 25.28
C PHE B 83 -24.89 -12.81 26.67
N VAL B 84 -24.20 -13.62 27.46
CA VAL B 84 -23.79 -13.23 28.80
C VAL B 84 -22.30 -12.88 28.80
N PRO B 85 -21.92 -11.75 29.43
CA PRO B 85 -20.52 -11.29 29.50
C PRO B 85 -19.51 -12.34 29.98
N GLY B 86 -18.38 -12.36 29.27
CA GLY B 86 -17.32 -13.30 29.60
C GLY B 86 -16.16 -12.70 30.40
N SER B 87 -15.05 -13.42 30.38
CA SER B 87 -13.86 -13.05 31.11
C SER B 87 -13.44 -11.62 30.86
N GLN B 88 -13.42 -11.21 29.60
CA GLN B 88 -13.00 -9.86 29.20
C GLN B 88 -14.13 -9.03 28.64
N PRO B 89 -14.07 -7.70 28.82
CA PRO B 89 -15.19 -6.94 28.23
C PRO B 89 -15.04 -7.13 26.71
N GLY B 90 -16.14 -7.53 26.08
CA GLY B 90 -16.12 -7.69 24.64
C GLY B 90 -16.31 -9.13 24.22
N GLU B 91 -16.19 -10.01 25.21
CA GLU B 91 -16.40 -11.40 24.92
C GLU B 91 -17.72 -11.79 25.52
N PHE B 92 -18.31 -12.86 25.00
CA PHE B 92 -19.57 -13.31 25.52
C PHE B 92 -19.69 -14.78 25.35
N THR B 93 -20.57 -15.35 26.18
CA THR B 93 -20.87 -16.77 26.12
C THR B 93 -22.39 -16.81 25.89
N LEU B 94 -22.89 -17.97 25.48
CA LEU B 94 -24.31 -18.14 25.20
C LEU B 94 -25.13 -18.48 26.45
N GLY B 95 -26.12 -17.65 26.73
CA GLY B 95 -26.98 -17.88 27.87
C GLY B 95 -27.75 -19.18 27.66
N ASN B 96 -27.97 -19.90 28.75
CA ASN B 96 -28.67 -21.19 28.72
C ASN B 96 -28.15 -22.14 27.62
N ILE B 97 -26.83 -22.19 27.51
CA ILE B 97 -26.19 -23.03 26.51
C ILE B 97 -26.60 -24.51 26.56
N LYS B 98 -26.91 -24.99 27.78
CA LYS B 98 -27.26 -26.41 27.97
C LYS B 98 -28.56 -26.75 27.26
N SER B 99 -29.41 -25.76 26.96
CA SER B 99 -30.67 -26.06 26.28
C SER B 99 -30.52 -26.31 24.77
N TYR B 100 -29.34 -26.06 24.21
CA TYR B 100 -29.19 -26.32 22.76
C TYR B 100 -28.61 -27.71 22.56
N PRO B 101 -29.41 -28.62 22.00
CA PRO B 101 -29.02 -30.01 21.74
C PRO B 101 -27.73 -30.05 20.92
N GLY B 102 -26.72 -30.79 21.38
CA GLY B 102 -25.47 -30.89 20.63
C GLY B 102 -24.47 -29.75 20.76
N LEU B 103 -24.88 -28.66 21.39
CA LEU B 103 -23.98 -27.55 21.54
C LEU B 103 -23.16 -27.74 22.83
N THR B 104 -21.86 -27.94 22.68
CA THR B 104 -21.03 -28.07 23.85
C THR B 104 -20.18 -26.85 24.12
N SER B 105 -19.93 -26.01 23.11
CA SER B 105 -19.16 -24.78 23.42
C SER B 105 -19.60 -23.62 22.50
N TYR B 106 -19.50 -22.40 23.00
CA TYR B 106 -19.93 -21.23 22.22
C TYR B 106 -19.18 -20.04 22.75
N LEU B 107 -18.62 -19.27 21.85
CA LEU B 107 -17.89 -18.09 22.28
C LEU B 107 -18.17 -16.94 21.28
N VAL B 108 -18.25 -15.70 21.78
CA VAL B 108 -18.50 -14.56 20.92
C VAL B 108 -17.38 -13.62 21.28
N ARG B 109 -16.76 -12.99 20.28
CA ARG B 109 -15.68 -12.09 20.57
C ARG B 109 -15.74 -10.92 19.65
N VAL B 110 -16.00 -9.75 20.19
CA VAL B 110 -16.07 -8.52 19.40
C VAL B 110 -14.69 -8.16 18.93
N VAL B 111 -14.48 -8.34 17.63
CA VAL B 111 -13.15 -8.07 17.07
C VAL B 111 -12.81 -6.59 16.94
N SER B 112 -13.76 -5.88 16.33
CA SER B 112 -13.56 -4.48 16.05
C SER B 112 -14.86 -3.67 15.96
N THR B 113 -14.82 -2.42 16.39
CA THR B 113 -16.00 -1.58 16.25
C THR B 113 -15.71 -0.11 16.57
N ASN B 114 -16.55 0.76 16.03
CA ASN B 114 -16.47 2.19 16.26
C ASN B 114 -17.85 2.56 16.77
N TYR B 115 -18.63 1.52 17.08
CA TYR B 115 -19.98 1.63 17.66
C TYR B 115 -21.12 2.28 16.89
N ASN B 116 -20.79 3.34 16.17
CA ASN B 116 -21.83 4.11 15.49
C ASN B 116 -21.99 3.86 13.99
N GLN B 117 -21.10 3.06 13.42
CA GLN B 117 -21.18 2.75 12.00
C GLN B 117 -21.10 1.27 11.74
N HIS B 118 -19.95 0.72 12.16
CA HIS B 118 -19.61 -0.67 11.92
C HIS B 118 -18.91 -1.48 13.03
N ALA B 119 -19.05 -2.79 12.90
CA ALA B 119 -18.44 -3.72 13.83
C ALA B 119 -18.13 -5.04 13.13
N MET B 120 -17.16 -5.74 13.70
CA MET B 120 -16.79 -7.06 13.23
C MET B 120 -16.81 -7.93 14.47
N VAL B 121 -17.59 -9.00 14.39
CA VAL B 121 -17.74 -9.97 15.48
C VAL B 121 -17.48 -11.45 15.08
N PHE B 122 -16.67 -12.10 15.91
CA PHE B 122 -16.28 -13.48 15.69
C PHE B 122 -17.02 -14.38 16.62
N PHE B 123 -17.49 -15.48 16.06
CA PHE B 123 -18.24 -16.49 16.75
C PHE B 123 -17.61 -17.86 16.50
N LYS B 124 -17.34 -18.58 17.57
CA LYS B 124 -16.82 -19.94 17.43
C LYS B 124 -17.66 -20.85 18.31
N LYS B 125 -18.06 -22.01 17.76
CA LYS B 125 -18.81 -23.00 18.50
C LYS B 125 -18.43 -24.48 18.21
N VAL B 126 -18.87 -25.36 19.09
CA VAL B 126 -18.64 -26.80 18.90
C VAL B 126 -19.98 -27.47 19.01
N SER B 127 -20.46 -28.02 17.90
CA SER B 127 -21.72 -28.75 17.91
C SER B 127 -21.51 -30.04 17.13
N GLN B 128 -21.96 -31.16 17.70
CA GLN B 128 -21.77 -32.48 17.06
C GLN B 128 -20.28 -32.73 16.98
N ASN B 129 -19.58 -32.27 17.99
CA ASN B 129 -18.13 -32.36 18.08
C ASN B 129 -17.39 -31.73 16.92
N ARG B 130 -18.06 -30.91 16.13
CA ARG B 130 -17.38 -30.23 15.03
C ARG B 130 -17.15 -28.78 15.43
N GLU B 131 -15.99 -28.25 15.03
CA GLU B 131 -15.67 -26.90 15.35
C GLU B 131 -16.07 -25.96 14.23
N TYR B 132 -16.99 -25.03 14.51
CA TYR B 132 -17.44 -24.06 13.51
C TYR B 132 -17.10 -22.59 13.84
N PHE B 133 -16.98 -21.77 12.80
CA PHE B 133 -16.72 -20.38 13.05
C PHE B 133 -17.25 -19.46 11.97
N LYS B 134 -17.44 -18.18 12.34
CA LYS B 134 -17.88 -17.18 11.39
C LYS B 134 -17.61 -15.81 11.91
N ILE B 135 -17.59 -14.88 10.97
CA ILE B 135 -17.38 -13.49 11.29
C ILE B 135 -18.54 -12.76 10.61
N THR B 136 -19.21 -11.90 11.37
CA THR B 136 -20.31 -11.12 10.84
C THR B 136 -19.74 -9.69 10.78
N LEU B 137 -20.04 -9.02 9.67
CA LEU B 137 -19.60 -7.64 9.43
C LEU B 137 -20.87 -6.87 9.78
N TYR B 138 -20.84 -6.10 10.87
CA TYR B 138 -22.08 -5.37 11.23
C TYR B 138 -22.11 -3.92 10.77
N GLY B 139 -23.33 -3.47 10.41
CA GLY B 139 -23.52 -2.12 9.96
C GLY B 139 -24.66 -1.44 10.68
N ARG B 140 -24.42 -0.19 11.09
CA ARG B 140 -25.49 0.57 11.77
C ARG B 140 -26.55 0.88 10.68
N THR B 141 -26.06 1.01 9.45
CA THR B 141 -26.88 1.26 8.26
C THR B 141 -26.81 -0.01 7.39
N LYS B 142 -27.60 -0.06 6.32
CA LYS B 142 -27.62 -1.19 5.41
C LYS B 142 -26.47 -1.24 4.43
N GLU B 143 -25.63 -0.21 4.38
CA GLU B 143 -24.51 -0.25 3.42
C GLU B 143 -23.20 0.18 4.05
N LEU B 144 -22.10 -0.25 3.43
CA LEU B 144 -20.80 0.20 3.91
C LEU B 144 -19.80 0.02 2.83
N THR B 145 -18.97 1.04 2.72
CA THR B 145 -17.92 1.05 1.75
C THR B 145 -17.10 -0.20 1.52
N SER B 146 -16.45 -0.06 0.39
CA SER B 146 -15.54 -1.00 -0.21
C SER B 146 -14.37 -1.19 0.76
N GLU B 147 -13.92 -0.08 1.34
CA GLU B 147 -12.80 -0.12 2.28
C GLU B 147 -13.12 -1.00 3.52
N LEU B 148 -14.27 -0.73 4.13
CA LEU B 148 -14.73 -1.50 5.28
C LEU B 148 -14.93 -2.97 4.85
N LYS B 149 -15.70 -3.15 3.76
CA LYS B 149 -15.95 -4.45 3.18
C LYS B 149 -14.61 -5.18 2.83
N GLU B 150 -13.51 -4.43 2.61
CA GLU B 150 -12.18 -5.04 2.30
C GLU B 150 -11.43 -5.50 3.58
N ASN B 151 -11.56 -4.69 4.64
CA ASN B 151 -10.97 -4.98 5.97
C ASN B 151 -11.43 -6.41 6.31
N PHE B 152 -12.74 -6.58 6.18
CA PHE B 152 -13.51 -7.78 6.47
C PHE B 152 -12.97 -8.95 5.65
N ILE B 153 -12.93 -8.75 4.33
CA ILE B 153 -12.40 -9.81 3.47
C ILE B 153 -10.96 -10.12 3.86
N ARG B 154 -10.15 -9.08 4.02
CA ARG B 154 -8.78 -9.35 4.33
C ARG B 154 -8.69 -10.09 5.65
N PHE B 155 -9.45 -9.63 6.68
CA PHE B 155 -9.50 -10.26 8.01
C PHE B 155 -10.01 -11.70 7.90
N SER B 156 -11.11 -11.90 7.16
CA SER B 156 -11.69 -13.21 6.91
C SER B 156 -10.69 -14.17 6.31
N LYS B 157 -9.91 -13.65 5.34
CA LYS B 157 -8.94 -14.53 4.68
C LYS B 157 -7.80 -14.77 5.65
N SER B 158 -7.54 -13.81 6.53
CA SER B 158 -6.46 -14.02 7.47
C SER B 158 -6.79 -15.18 8.44
N LEU B 159 -8.09 -15.54 8.53
CA LEU B 159 -8.47 -16.63 9.45
C LEU B 159 -8.60 -17.96 8.72
N GLY B 160 -8.16 -17.99 7.46
CA GLY B 160 -8.19 -19.18 6.65
C GLY B 160 -9.36 -19.28 5.69
N LEU B 161 -10.24 -18.29 5.66
CA LEU B 161 -11.39 -18.42 4.78
C LEU B 161 -11.20 -17.82 3.36
N PRO B 162 -11.49 -18.64 2.33
CA PRO B 162 -11.40 -18.26 0.91
C PRO B 162 -12.64 -17.48 0.53
N GLU B 163 -12.58 -16.81 -0.61
CA GLU B 163 -13.68 -16.00 -1.09
C GLU B 163 -15.03 -16.74 -1.21
N ASN B 164 -15.02 -18.04 -1.54
CA ASN B 164 -16.27 -18.83 -1.68
C ASN B 164 -17.05 -18.99 -0.36
N HIS B 165 -16.39 -18.68 0.75
CA HIS B 165 -16.97 -18.74 2.11
C HIS B 165 -17.28 -17.34 2.69
N ILE B 166 -17.22 -16.31 1.84
CA ILE B 166 -17.49 -14.91 2.24
C ILE B 166 -18.70 -14.41 1.48
N VAL B 167 -19.65 -13.78 2.19
CA VAL B 167 -20.88 -13.33 1.58
C VAL B 167 -21.25 -11.90 2.03
N PHE B 168 -21.95 -11.19 1.15
CA PHE B 168 -22.41 -9.85 1.45
C PHE B 168 -23.92 -9.87 1.24
N PRO B 169 -24.68 -10.14 2.30
CA PRO B 169 -26.13 -10.18 2.13
C PRO B 169 -26.73 -8.98 1.37
N VAL B 170 -27.72 -9.26 0.50
CA VAL B 170 -28.41 -8.21 -0.28
C VAL B 170 -29.42 -7.55 0.63
N PRO B 171 -29.39 -6.19 0.73
CA PRO B 171 -30.34 -5.48 1.59
C PRO B 171 -31.73 -5.80 1.09
N ILE B 172 -32.73 -5.61 1.95
CA ILE B 172 -34.14 -5.85 1.63
C ILE B 172 -34.86 -4.94 2.61
N ASP B 173 -36.15 -4.74 2.38
CA ASP B 173 -36.90 -3.84 3.25
C ASP B 173 -37.87 -4.48 4.21
N GLN B 174 -38.32 -5.72 3.94
CA GLN B 174 -39.25 -6.37 4.89
C GLN B 174 -38.55 -6.80 6.17
N CYS B 175 -39.31 -6.83 7.24
CA CYS B 175 -38.85 -7.26 8.54
C CYS B 175 -37.71 -6.54 9.22
N ILE B 176 -36.61 -6.27 8.53
CA ILE B 176 -35.45 -5.65 9.16
C ILE B 176 -35.38 -4.14 9.38
N ASP B 177 -36.48 -3.42 9.16
CA ASP B 177 -36.49 -1.97 9.37
C ASP B 177 -37.56 -1.51 10.35
N THR C 4 39.18 19.28 23.84
CA THR C 4 38.74 18.22 22.93
C THR C 4 37.32 18.53 22.36
N SER C 5 36.98 18.03 21.18
CA SER C 5 35.61 18.24 20.68
C SER C 5 34.89 16.89 21.04
N ASP C 6 33.59 16.93 21.37
CA ASP C 6 32.80 15.76 21.74
C ASP C 6 31.53 15.68 20.82
N LEU C 7 31.35 14.57 20.11
CA LEU C 7 30.16 14.44 19.19
C LEU C 7 29.44 13.12 19.23
N ILE C 8 28.11 13.15 19.12
CA ILE C 8 27.35 11.87 19.05
C ILE C 8 27.93 11.14 17.81
N PRO C 9 28.24 9.82 17.87
CA PRO C 9 28.80 9.18 16.69
C PRO C 9 27.84 9.06 15.48
N ALA C 10 28.41 9.07 14.28
CA ALA C 10 27.57 8.87 13.09
C ALA C 10 27.10 7.43 13.22
N PRO C 11 25.86 7.15 12.76
CA PRO C 11 25.43 5.74 12.89
C PRO C 11 26.04 4.89 11.79
N PRO C 12 26.01 3.56 11.90
CA PRO C 12 26.57 2.74 10.80
C PRO C 12 25.54 2.89 9.62
N LEU C 13 26.00 2.87 8.38
CA LEU C 13 25.08 3.07 7.22
C LEU C 13 23.95 2.02 7.21
N SER C 14 24.19 0.91 7.89
CA SER C 14 23.24 -0.17 7.99
C SER C 14 21.97 0.28 8.64
N LYS C 15 22.04 1.36 9.42
CA LYS C 15 20.81 1.87 10.04
C LYS C 15 20.12 3.01 9.24
N VAL C 16 20.65 3.35 8.07
CA VAL C 16 20.15 4.51 7.23
C VAL C 16 19.66 3.90 5.89
N PRO C 17 18.36 3.70 5.79
CA PRO C 17 17.81 3.10 4.54
C PRO C 17 18.16 4.00 3.37
N LEU C 18 18.08 3.41 2.20
CA LEU C 18 18.27 4.11 0.94
C LEU C 18 16.88 3.98 0.15
N GLN C 19 16.32 5.07 -0.36
CA GLN C 19 15.08 5.01 -1.10
C GLN C 19 15.25 4.03 -2.27
N GLN C 20 14.42 3.01 -2.36
CA GLN C 20 14.50 2.03 -3.43
C GLN C 20 14.15 2.65 -4.84
N ASN C 21 14.91 2.30 -5.88
CA ASN C 21 14.66 2.77 -7.25
C ASN C 21 14.52 4.32 -7.30
N PHE C 22 15.51 5.05 -6.74
CA PHE C 22 15.45 6.50 -6.69
C PHE C 22 15.26 7.08 -8.11
N GLN C 23 14.41 8.10 -8.25
CA GLN C 23 14.17 8.68 -9.57
C GLN C 23 14.71 10.11 -9.54
N ASP C 24 15.90 10.29 -10.07
CA ASP C 24 16.51 11.57 -10.03
C ASP C 24 15.70 12.73 -10.64
N ASN C 25 14.98 12.45 -11.75
CA ASN C 25 14.17 13.47 -12.43
C ASN C 25 13.00 13.91 -11.50
N GLN C 26 12.37 12.97 -10.81
CA GLN C 26 11.27 13.30 -9.92
C GLN C 26 11.67 14.04 -8.65
N PHE C 27 12.92 13.89 -8.23
CA PHE C 27 13.39 14.54 -7.00
C PHE C 27 13.76 15.99 -7.19
N GLN C 28 13.91 16.42 -8.44
CA GLN C 28 14.38 17.79 -8.74
C GLN C 28 13.51 18.82 -8.23
N GLY C 29 13.98 20.04 -8.27
CA GLY C 29 13.15 21.15 -7.85
C GLY C 29 13.41 21.66 -6.46
N LYS C 30 12.44 22.43 -5.94
CA LYS C 30 12.60 23.05 -4.66
C LYS C 30 12.10 22.25 -3.47
N TRP C 31 12.88 22.22 -2.39
CA TRP C 31 12.44 21.57 -1.19
C TRP C 31 12.64 22.53 -0.02
N TYR C 32 11.67 22.65 0.89
CA TYR C 32 11.81 23.44 2.09
C TYR C 32 12.28 22.50 3.21
N VAL C 33 13.17 22.98 4.05
CA VAL C 33 13.65 22.16 5.15
C VAL C 33 12.73 22.35 6.35
N VAL C 34 11.73 21.47 6.46
CA VAL C 34 10.83 21.59 7.57
C VAL C 34 11.27 20.86 8.86
N GLY C 35 12.34 20.09 8.78
CA GLY C 35 12.88 19.40 9.95
C GLY C 35 14.37 19.21 9.70
N LEU C 36 15.13 19.34 10.76
CA LEU C 36 16.57 19.27 10.68
C LEU C 36 17.07 18.61 11.99
N ALA C 37 17.85 17.56 11.88
CA ALA C 37 18.43 16.91 13.08
C ALA C 37 19.93 16.53 12.79
N GLY C 38 20.78 16.47 13.80
CA GLY C 38 22.14 16.09 13.53
C GLY C 38 23.06 16.25 14.73
N ASN C 39 24.27 15.69 14.66
CA ASN C 39 25.15 15.80 15.82
C ASN C 39 25.70 17.18 16.06
N ALA C 40 25.65 18.11 15.10
CA ALA C 40 26.07 19.49 15.41
C ALA C 40 24.84 20.43 15.35
N ILE C 41 23.62 19.87 15.38
CA ILE C 41 22.41 20.69 15.34
C ILE C 41 21.84 20.79 16.77
N LEU C 42 21.66 22.01 17.26
CA LEU C 42 21.20 22.19 18.64
C LEU C 42 20.01 23.11 18.77
N ARG C 43 19.01 22.70 19.54
CA ARG C 43 17.84 23.57 19.64
C ARG C 43 18.17 24.86 20.39
N GLU C 44 17.67 25.98 19.89
CA GLU C 44 17.96 27.24 20.60
C GLU C 44 16.72 28.03 21.00
N ASP C 45 16.62 28.21 22.31
CA ASP C 45 15.54 28.96 22.95
C ASP C 45 15.46 30.38 22.37
N LYS C 46 16.49 31.19 22.60
CA LYS C 46 16.45 32.59 22.16
C LYS C 46 16.21 32.84 20.70
N ASP C 47 16.95 32.18 19.81
CA ASP C 47 16.70 32.46 18.42
C ASP C 47 16.62 31.17 17.58
N PRO C 48 15.38 30.70 17.37
CA PRO C 48 15.09 29.48 16.62
C PRO C 48 15.46 29.45 15.16
N GLN C 49 15.94 28.28 14.74
CA GLN C 49 16.37 28.04 13.38
C GLN C 49 15.28 28.53 12.42
N LYS C 50 15.70 29.23 11.41
CA LYS C 50 14.70 29.69 10.43
C LYS C 50 14.72 28.71 9.29
N MET C 51 13.55 28.53 8.68
CA MET C 51 13.43 27.64 7.54
C MET C 51 14.26 28.18 6.35
N TYR C 52 14.91 27.28 5.59
CA TYR C 52 15.64 27.67 4.41
C TYR C 52 15.16 26.63 3.35
N ALA C 53 15.62 26.78 2.11
CA ALA C 53 15.17 25.88 1.06
C ALA C 53 16.39 25.40 0.29
N THR C 54 16.22 24.27 -0.41
CA THR C 54 17.31 23.74 -1.18
C THR C 54 16.71 23.34 -2.54
N ILE C 55 17.32 23.80 -3.62
CA ILE C 55 16.83 23.54 -4.95
C ILE C 55 17.79 22.62 -5.63
N TYR C 56 17.27 21.53 -6.14
CA TYR C 56 18.08 20.49 -6.82
C TYR C 56 17.84 20.65 -8.35
N GLU C 57 18.84 20.97 -9.15
CA GLU C 57 18.57 21.03 -10.57
C GLU C 57 19.35 19.94 -11.21
N LEU C 58 18.68 19.04 -11.92
CA LEU C 58 19.36 17.91 -12.53
C LEU C 58 20.02 18.45 -13.81
N LYS C 59 21.30 18.15 -13.96
CA LYS C 59 22.02 18.62 -15.10
C LYS C 59 22.11 17.50 -16.13
N GLU C 60 22.37 17.85 -17.38
CA GLU C 60 22.47 16.81 -18.43
C GLU C 60 23.47 15.73 -18.05
N ASP C 61 24.54 16.06 -17.34
CA ASP C 61 25.43 15.01 -16.98
C ASP C 61 25.01 14.14 -15.78
N LYS C 62 23.77 14.32 -15.30
CA LYS C 62 23.12 13.56 -14.17
C LYS C 62 23.49 13.95 -12.75
N SER C 63 24.38 14.92 -12.59
CA SER C 63 24.73 15.36 -11.27
C SER C 63 23.70 16.47 -11.04
N TYR C 64 23.54 16.92 -9.82
CA TYR C 64 22.65 18.01 -9.51
C TYR C 64 23.45 19.25 -9.16
N ASN C 65 22.99 20.44 -9.59
CA ASN C 65 23.54 21.72 -9.10
C ASN C 65 22.53 21.94 -7.93
N VAL C 66 23.06 22.10 -6.75
CA VAL C 66 22.21 22.20 -5.59
C VAL C 66 22.40 23.56 -4.94
N THR C 67 21.31 24.32 -4.88
CA THR C 67 21.38 25.66 -4.26
C THR C 67 20.53 25.77 -2.99
N SER C 68 21.16 26.14 -1.88
CA SER C 68 20.34 26.35 -0.69
C SER C 68 20.28 27.84 -0.50
N VAL C 69 19.15 28.28 -0.01
CA VAL C 69 18.97 29.70 0.25
C VAL C 69 18.40 29.89 1.61
N LEU C 70 19.09 30.76 2.36
CA LEU C 70 18.74 31.09 3.72
C LEU C 70 18.62 32.61 4.01
N PHE C 71 17.83 33.01 4.99
CA PHE C 71 17.74 34.40 5.35
C PHE C 71 18.62 34.50 6.57
N ARG C 72 19.78 35.08 6.38
CA ARG C 72 20.79 35.21 7.43
C ARG C 72 21.49 36.62 7.50
N LYS C 73 21.43 37.23 8.69
CA LYS C 73 22.04 38.54 8.93
C LYS C 73 21.44 39.54 7.96
N LYS C 74 20.11 39.58 7.93
CA LYS C 74 19.35 40.46 7.06
C LYS C 74 19.56 40.28 5.58
N LYS C 75 20.26 39.23 5.19
CA LYS C 75 20.47 38.97 3.78
C LYS C 75 20.09 37.56 3.37
N CYS C 76 19.81 37.40 2.07
CA CYS C 76 19.54 36.13 1.43
C CYS C 76 20.95 35.60 1.21
N ASP C 77 21.20 34.42 1.73
CA ASP C 77 22.52 33.78 1.68
C ASP C 77 22.34 32.49 0.79
N TYR C 78 23.06 32.46 -0.32
CA TYR C 78 22.99 31.36 -1.28
C TYR C 78 24.26 30.49 -1.20
N TRP C 79 24.11 29.18 -1.04
CA TRP C 79 25.27 28.29 -0.97
C TRP C 79 25.01 27.30 -2.11
N ILE C 80 26.04 27.06 -2.92
CA ILE C 80 25.85 26.18 -4.05
C ILE C 80 26.78 25.00 -3.96
N ARG C 81 26.30 23.85 -4.35
CA ARG C 81 27.13 22.64 -4.31
C ARG C 81 26.79 21.76 -5.48
N THR C 82 27.73 20.93 -5.86
CA THR C 82 27.46 19.96 -6.89
C THR C 82 27.39 18.54 -6.29
N PHE C 83 26.25 17.86 -6.51
CA PHE C 83 26.07 16.49 -6.02
C PHE C 83 26.26 15.55 -7.21
N VAL C 84 27.28 14.70 -7.12
CA VAL C 84 27.63 13.72 -8.13
C VAL C 84 27.03 12.34 -7.70
N PRO C 85 26.41 11.59 -8.63
CA PRO C 85 25.80 10.28 -8.39
C PRO C 85 26.84 9.41 -7.73
N GLY C 86 26.46 8.83 -6.58
CA GLY C 86 27.34 7.98 -5.79
C GLY C 86 27.25 6.51 -6.19
N SER C 87 27.68 5.64 -5.28
CA SER C 87 27.69 4.23 -5.61
C SER C 87 26.35 3.58 -5.96
N GLN C 88 25.25 4.07 -5.37
CA GLN C 88 23.95 3.51 -5.59
C GLN C 88 23.02 4.67 -5.93
N PRO C 89 21.96 4.42 -6.77
CA PRO C 89 21.04 5.52 -7.10
C PRO C 89 20.44 6.09 -5.81
N GLY C 90 20.52 7.41 -5.67
CA GLY C 90 19.91 8.01 -4.51
C GLY C 90 21.05 8.43 -3.59
N GLU C 91 22.28 8.03 -3.90
CA GLU C 91 23.40 8.51 -3.07
C GLU C 91 24.22 9.49 -3.90
N PHE C 92 24.88 10.42 -3.23
CA PHE C 92 25.71 11.40 -3.91
C PHE C 92 26.98 11.75 -3.17
N THR C 93 28.03 12.03 -3.93
CA THR C 93 29.24 12.56 -3.33
C THR C 93 29.27 14.04 -3.71
N LEU C 94 30.21 14.79 -3.15
CA LEU C 94 30.31 16.24 -3.40
C LEU C 94 31.30 16.51 -4.53
N GLY C 95 30.92 17.23 -5.58
CA GLY C 95 31.92 17.53 -6.61
C GLY C 95 32.97 18.57 -6.13
N ASN C 96 34.19 18.45 -6.65
CA ASN C 96 35.31 19.34 -6.40
C ASN C 96 35.51 19.52 -4.95
N ILE C 97 35.67 18.39 -4.26
CA ILE C 97 35.79 18.42 -2.82
C ILE C 97 37.06 19.13 -2.30
N LYS C 98 38.12 19.13 -3.11
CA LYS C 98 39.42 19.76 -2.76
C LYS C 98 39.25 21.24 -2.55
N SER C 99 38.26 21.83 -3.23
CA SER C 99 38.01 23.25 -3.04
C SER C 99 37.26 23.52 -1.75
N TYR C 100 37.12 22.54 -0.86
CA TYR C 100 36.44 22.83 0.41
C TYR C 100 37.43 22.56 1.55
N PRO C 101 37.86 23.63 2.23
CA PRO C 101 38.80 23.68 3.35
C PRO C 101 38.56 22.63 4.40
N GLY C 102 39.50 21.71 4.57
CA GLY C 102 39.39 20.69 5.62
C GLY C 102 38.34 19.58 5.45
N LEU C 103 37.69 19.58 4.29
CA LEU C 103 36.65 18.57 4.01
C LEU C 103 37.27 17.40 3.26
N THR C 104 37.32 16.24 3.91
CA THR C 104 37.86 15.10 3.25
C THR C 104 36.84 14.06 2.85
N SER C 105 35.59 14.20 3.29
CA SER C 105 34.58 13.20 2.94
C SER C 105 33.20 13.85 2.96
N TYR C 106 32.27 13.39 2.10
CA TYR C 106 30.94 14.03 2.04
C TYR C 106 30.01 13.04 1.35
N LEU C 107 28.91 12.66 2.00
CA LEU C 107 28.03 11.64 1.41
C LEU C 107 26.62 12.05 1.63
N VAL C 108 25.81 11.83 0.60
CA VAL C 108 24.42 12.16 0.71
C VAL C 108 23.68 10.84 0.41
N ARG C 109 22.66 10.53 1.20
CA ARG C 109 21.84 9.36 0.98
C ARG C 109 20.34 9.73 1.17
N VAL C 110 19.53 9.61 0.08
CA VAL C 110 18.08 9.90 0.17
C VAL C 110 17.46 8.64 0.84
N VAL C 111 16.97 8.80 2.06
CA VAL C 111 16.41 7.73 2.89
C VAL C 111 15.02 7.34 2.37
N SER C 112 14.16 8.31 2.15
CA SER C 112 12.83 8.00 1.59
C SER C 112 12.26 9.28 1.03
N THR C 113 11.33 9.08 0.13
CA THR C 113 10.62 10.24 -0.41
C THR C 113 9.41 9.76 -1.26
N ASN C 114 8.38 10.57 -1.34
CA ASN C 114 7.32 10.26 -2.32
C ASN C 114 7.40 11.31 -3.43
N TYR C 115 8.48 12.11 -3.48
CA TYR C 115 8.76 13.07 -4.55
C TYR C 115 7.90 14.36 -4.68
N ASN C 116 6.60 14.20 -4.53
CA ASN C 116 5.63 15.36 -4.64
C ASN C 116 5.26 16.02 -3.34
N GLN C 117 5.63 15.41 -2.19
CA GLN C 117 5.30 16.06 -0.92
C GLN C 117 6.43 16.12 0.07
N HIS C 118 7.09 14.97 0.24
CA HIS C 118 8.14 14.89 1.27
C HIS C 118 9.33 14.02 1.00
N ALA C 119 10.42 14.28 1.74
CA ALA C 119 11.67 13.47 1.67
C ALA C 119 12.44 13.55 3.02
N MET C 120 13.30 12.54 3.23
CA MET C 120 14.22 12.55 4.37
C MET C 120 15.53 12.24 3.70
N VAL C 121 16.53 13.03 3.99
CA VAL C 121 17.80 12.81 3.31
C VAL C 121 18.89 12.87 4.41
N PHE C 122 19.83 11.90 4.35
CA PHE C 122 20.91 11.75 5.31
C PHE C 122 22.21 12.33 4.70
N PHE C 123 22.99 13.05 5.49
CA PHE C 123 24.23 13.67 5.06
C PHE C 123 25.30 13.34 6.09
N LYS C 124 26.48 12.97 5.62
CA LYS C 124 27.54 12.68 6.56
C LYS C 124 28.78 13.27 5.92
N LYS C 125 29.58 13.97 6.71
CA LYS C 125 30.81 14.51 6.18
C LYS C 125 31.90 14.49 7.25
N VAL C 126 33.17 14.51 6.79
CA VAL C 126 34.30 14.53 7.71
C VAL C 126 34.99 15.88 7.42
N SER C 127 35.03 16.74 8.43
CA SER C 127 35.60 18.09 8.35
C SER C 127 36.57 18.26 9.53
N GLN C 128 37.82 18.68 9.25
CA GLN C 128 38.87 18.76 10.29
C GLN C 128 38.89 17.40 10.99
N ASN C 129 38.85 16.32 10.21
CA ASN C 129 38.82 14.95 10.71
C ASN C 129 37.79 14.62 11.80
N ARG C 130 36.74 15.40 11.92
CA ARG C 130 35.67 15.08 12.85
C ARG C 130 34.45 14.61 12.00
N GLU C 131 33.68 13.64 12.46
CA GLU C 131 32.55 13.18 11.67
C GLU C 131 31.18 13.78 12.05
N TYR C 132 30.59 14.54 11.13
CA TYR C 132 29.29 15.17 11.30
C TYR C 132 28.20 14.49 10.44
N PHE C 133 26.99 14.42 10.99
CA PHE C 133 25.85 13.88 10.24
C PHE C 133 24.61 14.65 10.60
N LYS C 134 23.74 14.78 9.61
CA LYS C 134 22.47 15.41 9.88
C LYS C 134 21.42 14.73 8.98
N ILE C 135 20.14 14.92 9.29
CA ILE C 135 19.05 14.41 8.49
C ILE C 135 18.11 15.60 8.26
N THR C 136 17.73 15.81 7.00
CA THR C 136 16.73 16.83 6.72
C THR C 136 15.38 16.18 6.43
N LEU C 137 14.33 16.87 6.85
CA LEU C 137 12.95 16.49 6.57
C LEU C 137 12.59 17.60 5.51
N TYR C 138 12.36 17.20 4.28
CA TYR C 138 12.03 18.14 3.20
C TYR C 138 10.56 18.13 2.89
N GLY C 139 9.99 19.28 2.62
CA GLY C 139 8.60 19.37 2.21
C GLY C 139 8.51 20.15 0.90
N ARG C 140 7.55 19.81 0.05
CA ARG C 140 7.35 20.57 -1.19
C ARG C 140 6.71 21.92 -0.77
N THR C 141 5.98 21.91 0.38
CA THR C 141 5.45 23.16 0.87
C THR C 141 6.12 23.39 2.26
N LYS C 142 5.83 24.55 2.89
CA LYS C 142 6.43 24.89 4.16
C LYS C 142 5.81 24.15 5.33
N GLU C 143 4.85 23.26 5.07
CA GLU C 143 4.25 22.58 6.19
C GLU C 143 4.14 21.09 6.01
N LEU C 144 4.30 20.31 7.08
CA LEU C 144 4.02 18.86 6.87
C LEU C 144 3.14 18.30 8.04
N THR C 145 2.55 17.16 7.76
CA THR C 145 1.72 16.56 8.70
C THR C 145 2.45 16.13 10.00
N SER C 146 1.66 16.06 11.06
CA SER C 146 2.11 15.56 12.37
C SER C 146 2.73 14.21 12.19
N GLU C 147 2.12 13.39 11.35
CA GLU C 147 2.61 12.05 11.15
C GLU C 147 4.04 12.02 10.52
N LEU C 148 4.25 12.82 9.48
CA LEU C 148 5.58 12.81 8.84
C LEU C 148 6.56 13.37 9.86
N LYS C 149 6.16 14.36 10.64
CA LYS C 149 7.09 14.94 11.59
C LYS C 149 7.50 13.94 12.71
N GLU C 150 6.54 13.18 13.26
CA GLU C 150 6.84 12.19 14.27
C GLU C 150 7.64 11.09 13.65
N ASN C 151 7.31 10.73 12.42
CA ASN C 151 8.14 9.68 11.77
C ASN C 151 9.62 10.16 11.65
N PHE C 152 9.84 11.44 11.41
CA PHE C 152 11.21 11.96 11.31
C PHE C 152 11.91 12.02 12.72
N ILE C 153 11.16 12.37 13.79
CA ILE C 153 11.73 12.39 15.17
C ILE C 153 12.15 10.97 15.54
N ARG C 154 11.29 10.00 15.22
CA ARG C 154 11.56 8.60 15.52
C ARG C 154 12.80 8.10 14.72
N PHE C 155 12.93 8.52 13.46
CA PHE C 155 14.05 8.07 12.67
C PHE C 155 15.34 8.67 13.22
N SER C 156 15.30 9.96 13.56
CA SER C 156 16.43 10.70 14.11
C SER C 156 16.92 10.07 15.41
N LYS C 157 15.97 9.71 16.28
CA LYS C 157 16.33 9.07 17.53
C LYS C 157 16.89 7.65 17.21
N SER C 158 16.36 6.90 16.22
CA SER C 158 16.98 5.61 15.98
C SER C 158 18.46 5.76 15.53
N LEU C 159 18.89 6.97 15.12
CA LEU C 159 20.31 7.10 14.71
C LEU C 159 21.13 7.65 15.93
N GLY C 160 20.45 7.74 17.07
CA GLY C 160 21.14 8.14 18.31
C GLY C 160 21.09 9.60 18.67
N LEU C 161 20.19 10.34 18.05
CA LEU C 161 20.10 11.75 18.36
C LEU C 161 18.96 11.97 19.37
N PRO C 162 19.24 12.70 20.48
CA PRO C 162 18.25 13.02 21.54
C PRO C 162 17.45 14.21 20.99
N GLU C 163 16.26 14.45 21.56
CA GLU C 163 15.34 15.51 21.19
C GLU C 163 15.94 16.84 21.00
N ASN C 164 16.91 17.21 21.87
CA ASN C 164 17.51 18.54 21.71
C ASN C 164 18.39 18.64 20.48
N HIS C 165 18.60 17.55 19.73
CA HIS C 165 19.38 17.67 18.48
C HIS C 165 18.42 17.59 17.21
N ILE C 166 17.12 17.77 17.46
CA ILE C 166 16.13 17.70 16.39
C ILE C 166 15.39 19.03 16.39
N VAL C 167 15.47 19.84 15.32
CA VAL C 167 14.73 21.12 15.29
C VAL C 167 13.78 21.24 14.10
N PHE C 168 12.78 22.07 14.24
CA PHE C 168 11.79 22.30 13.15
C PHE C 168 11.84 23.77 12.82
N PRO C 169 12.62 24.17 11.80
CA PRO C 169 12.80 25.54 11.36
C PRO C 169 11.46 26.22 11.24
N VAL C 170 11.44 27.48 11.64
CA VAL C 170 10.16 28.19 11.63
C VAL C 170 9.99 28.75 10.24
N PRO C 171 8.79 28.58 9.68
CA PRO C 171 8.51 29.07 8.34
C PRO C 171 8.66 30.60 8.23
N ILE C 172 9.28 31.08 7.15
CA ILE C 172 9.43 32.50 6.89
C ILE C 172 9.11 32.76 5.41
N ASP C 173 9.11 34.03 5.01
CA ASP C 173 8.83 34.45 3.61
C ASP C 173 10.03 35.07 2.87
N GLN C 174 10.98 35.62 3.61
CA GLN C 174 12.13 36.22 2.99
C GLN C 174 12.95 35.15 2.31
N CYS C 175 13.47 35.48 1.14
CA CYS C 175 14.40 34.65 0.39
C CYS C 175 14.04 33.30 -0.14
N ILE C 176 13.31 32.52 0.65
CA ILE C 176 13.09 31.15 0.27
C ILE C 176 11.94 30.95 -0.64
N ASP C 177 11.16 32.00 -0.89
CA ASP C 177 9.94 31.85 -1.74
C ASP C 177 9.92 32.18 -3.21
FE FE D . 3.76 -10.25 -23.39
O1 DB1 E . 2.06 -11.70 -22.63
O4 DB1 E . 2.01 -9.35 -23.71
O7 DB1 E . -1.48 -13.65 -21.45
N1 DB1 E . 0.80 -13.76 -21.62
C1 DB1 E . 0.81 -11.16 -22.79
C4 DB1 E . 0.79 -9.83 -23.40
C7 DB1 E . -0.44 -9.19 -23.61
C10 DB1 E . -1.65 -9.83 -23.22
C13 DB1 E . -1.64 -11.07 -22.63
C16 DB1 E . -0.41 -11.76 -22.40
C19 DB1 E . -0.42 -13.12 -21.79
O1 DB1 F . 5.25 -11.32 -22.59
O4 DB1 F . 4.62 -8.85 -22.10
O7 DB1 F . 8.30 -13.46 -20.37
N1 DB1 F . 6.76 -13.58 -22.04
C1 DB1 F . 5.95 -10.77 -21.58
C4 DB1 F . 5.59 -9.37 -21.29
C7 DB1 F . 6.24 -8.68 -20.24
C10 DB1 F . 7.24 -9.33 -19.48
C13 DB1 F . 7.63 -10.68 -19.72
C16 DB1 F . 6.99 -11.44 -20.78
C19 DB1 F . 7.40 -12.90 -21.05
FE FE G . -25.35 -19.30 15.21
O1 DB1 H . -24.26 -20.46 13.69
O4 DB1 H . -23.61 -19.39 16.11
O7 DB1 H . -21.31 -21.36 10.68
N1 DB1 H . -23.79 -21.34 11.40
C1 DB1 H . -22.96 -20.19 13.86
C4 DB1 H . -22.60 -19.57 15.24
C7 DB1 H . -21.19 -19.28 15.45
C10 DB1 H . -20.26 -19.51 14.46
C13 DB1 H . -20.60 -20.10 13.22
C16 DB1 H . -21.94 -20.47 12.88
C19 DB1 H . -22.33 -21.10 11.56
O1 DB1 I . -26.37 -20.97 14.82
O4 DB1 I . -25.61 -19.81 17.08
O7 DB1 I . -28.23 -24.70 14.51
N1 DB1 I . -27.45 -22.85 13.39
C1 DB1 I . -26.61 -21.65 15.88
C4 DB1 I . -26.19 -21.03 17.17
C7 DB1 I . -26.43 -21.71 18.36
C10 DB1 I . -27.04 -22.97 18.32
C13 DB1 I . -27.46 -23.60 17.11
C16 DB1 I . -27.24 -22.93 15.86
C19 DB1 I . -27.68 -23.58 14.54
FE FE J . 26.55 21.12 4.87
O1 DB1 K . 26.09 20.58 7.13
O4 DB1 K . 26.24 19.17 5.01
O7 DB1 K . 26.53 18.83 11.03
N1 DB1 K . 26.25 20.74 9.92
C1 DB1 K . 26.31 19.28 7.36
C4 DB1 K . 26.41 18.46 6.14
C7 DB1 K . 26.65 17.09 6.23
C10 DB1 K . 26.79 16.48 7.49
C13 DB1 K . 26.71 17.20 8.69
C16 DB1 K . 26.47 18.64 8.65
C19 DB1 K . 26.41 19.41 9.95
#